data_7F8B
#
_entry.id   7F8B
#
_cell.length_a   78.018
_cell.length_b   78.018
_cell.length_c   101.536
_cell.angle_alpha   90.000
_cell.angle_beta   90.000
_cell.angle_gamma   90.000
#
_symmetry.space_group_name_H-M   'P 42 21 2'
#
loop_
_entity.id
_entity.type
_entity.pdbx_description
1 polymer Erm(38)
2 non-polymer S-ADENOSYLMETHIONINE
3 non-polymer 'SUCCINIC ACID'
4 water water
#
_entity_poly.entity_id   1
_entity_poly.type   'polypeptide(L)'
_entity_poly.pdbx_seq_one_letter_code
;MSTPHHGRHELGQNFLSDRRVIADIVEIVSRTNGPIIEIGAGDGALTIPLQRLARPLTAVEVDARRARRLAQRTARSAPG
PASRPTEVVAADFLRYPLPRSPHVVVGNLPFHLTTAILRRLLHGPGWTTAVLLMQWEVARRRAAVGGATMMTAQWWPWFE
FGLARKVSAASFTPRPAVDAGLLTITRRSRPLVDVADRARYQALVHRVFTGRGHGMAQILQRLPTPVPRTWLRANGIAPN
SLPRQLSAAQWAALFEQTRLT
;
_entity_poly.pdbx_strand_id   A
#
# COMPACT_ATOMS: atom_id res chain seq x y z
N GLN A 13 5.89 18.75 -7.57
CA GLN A 13 6.29 17.41 -7.14
C GLN A 13 7.32 17.50 -6.01
N ASN A 14 7.27 16.56 -5.05
CA ASN A 14 8.17 16.60 -3.90
C ASN A 14 9.19 15.48 -3.95
N PHE A 15 10.41 15.86 -4.32
CA PHE A 15 11.53 14.97 -4.47
C PHE A 15 12.15 14.64 -3.14
N LEU A 16 12.61 13.41 -2.98
CA LEU A 16 13.20 12.96 -1.74
C LEU A 16 14.62 13.44 -1.65
N SER A 17 14.88 14.44 -0.78
CA SER A 17 16.25 14.95 -0.63
C SER A 17 16.98 14.40 0.60
N ASP A 18 16.27 13.79 1.54
CA ASP A 18 16.89 13.26 2.76
C ASP A 18 17.52 11.91 2.48
N ARG A 19 18.86 11.86 2.46
CA ARG A 19 19.57 10.61 2.21
C ARG A 19 19.33 9.51 3.24
N ARG A 20 18.94 9.88 4.45
CA ARG A 20 18.64 8.90 5.50
C ARG A 20 17.33 8.15 5.17
N VAL A 21 16.35 8.84 4.55
CA VAL A 21 15.09 8.20 4.16
C VAL A 21 15.42 7.23 3.01
N ILE A 22 16.24 7.68 2.02
CA ILE A 22 16.69 6.83 0.91
C ILE A 22 17.34 5.55 1.43
N ALA A 23 18.25 5.68 2.42
CA ALA A 23 18.92 4.56 3.07
C ALA A 23 17.92 3.61 3.72
N ASP A 24 16.92 4.16 4.42
CA ASP A 24 15.89 3.40 5.09
C ASP A 24 15.03 2.61 4.11
N ILE A 25 14.66 3.22 2.97
CA ILE A 25 13.85 2.57 1.95
C ILE A 25 14.64 1.45 1.29
N VAL A 26 15.91 1.74 0.94
CA VAL A 26 16.79 0.74 0.34
C VAL A 26 16.97 -0.46 1.28
N GLU A 27 17.09 -0.21 2.59
CA GLU A 27 17.23 -1.24 3.61
C GLU A 27 15.99 -2.18 3.62
N ILE A 28 14.78 -1.61 3.58
CA ILE A 28 13.55 -2.43 3.52
C ILE A 28 13.48 -3.22 2.19
N VAL A 29 13.75 -2.55 1.06
CA VAL A 29 13.70 -3.20 -0.23
C VAL A 29 14.73 -4.34 -0.33
N SER A 30 15.91 -4.16 0.28
CA SER A 30 16.99 -5.14 0.24
C SER A 30 16.63 -6.46 0.95
N ARG A 31 15.66 -6.45 1.85
CA ARG A 31 15.23 -7.66 2.54
C ARG A 31 14.17 -8.44 1.73
N THR A 32 13.79 -7.96 0.54
CA THR A 32 12.82 -8.62 -0.33
C THR A 32 13.60 -9.31 -1.48
N ASN A 33 12.89 -10.05 -2.35
CA ASN A 33 13.49 -10.74 -3.49
C ASN A 33 12.71 -10.45 -4.78
N GLY A 34 13.40 -10.59 -5.90
CA GLY A 34 12.77 -10.45 -7.20
C GLY A 34 12.95 -9.10 -7.83
N PRO A 35 12.41 -8.96 -9.04
CA PRO A 35 12.50 -7.67 -9.75
C PRO A 35 11.80 -6.54 -9.00
N ILE A 36 12.25 -5.30 -9.24
CA ILE A 36 11.72 -4.12 -8.61
C ILE A 36 11.10 -3.18 -9.65
N ILE A 37 9.94 -2.57 -9.33
CA ILE A 37 9.30 -1.56 -10.17
C ILE A 37 9.13 -0.34 -9.32
N GLU A 38 9.69 0.78 -9.78
CA GLU A 38 9.62 2.02 -9.05
C GLU A 38 8.66 2.98 -9.70
N ILE A 39 7.76 3.60 -8.91
CA ILE A 39 6.77 4.58 -9.38
C ILE A 39 7.30 5.98 -9.11
N GLY A 40 7.22 6.85 -10.10
CA GLY A 40 7.65 8.23 -9.93
C GLY A 40 9.13 8.35 -9.65
N ALA A 41 9.94 7.77 -10.50
CA ALA A 41 11.40 7.72 -10.33
C ALA A 41 12.11 9.08 -10.30
N GLY A 42 11.51 10.10 -10.91
CA GLY A 42 12.04 11.46 -10.89
C GLY A 42 13.45 11.56 -11.46
N ASP A 43 14.37 12.16 -10.69
CA ASP A 43 15.76 12.25 -11.11
C ASP A 43 16.59 11.05 -10.72
N GLY A 44 16.01 10.08 -10.01
CA GLY A 44 16.72 8.88 -9.60
C GLY A 44 17.22 8.89 -8.19
N ALA A 45 16.59 9.66 -7.28
CA ALA A 45 16.99 9.71 -5.85
C ALA A 45 16.91 8.31 -5.24
N LEU A 46 15.90 7.51 -5.63
CA LEU A 46 15.81 6.12 -5.19
C LEU A 46 16.33 5.18 -6.26
N THR A 47 16.09 5.48 -7.54
CA THR A 47 16.52 4.62 -8.65
C THR A 47 17.98 4.22 -8.60
N ILE A 48 18.89 5.18 -8.49
CA ILE A 48 20.32 4.92 -8.47
C ILE A 48 20.68 4.01 -7.29
N PRO A 49 20.30 4.31 -6.02
CA PRO A 49 20.59 3.36 -4.91
C PRO A 49 19.96 1.95 -5.07
N LEU A 50 18.73 1.86 -5.65
CA LEU A 50 18.08 0.59 -5.90
C LEU A 50 18.82 -0.20 -6.99
N GLN A 51 19.37 0.47 -8.00
CA GLN A 51 20.12 -0.20 -9.07
C GLN A 51 21.36 -0.92 -8.48
N ARG A 52 21.98 -0.36 -7.43
CA ARG A 52 23.11 -1.00 -6.75
C ARG A 52 22.75 -2.25 -5.97
N LEU A 53 21.46 -2.61 -5.90
CA LEU A 53 21.07 -3.88 -5.27
C LEU A 53 21.27 -5.07 -6.27
N ALA A 54 21.65 -4.80 -7.54
CA ALA A 54 21.92 -5.79 -8.60
C ALA A 54 20.73 -6.67 -8.93
N ARG A 55 19.51 -6.15 -8.83
CA ARG A 55 18.29 -6.89 -9.17
C ARG A 55 17.64 -6.21 -10.36
N PRO A 56 16.77 -6.89 -11.14
CA PRO A 56 16.15 -6.21 -12.29
C PRO A 56 15.29 -5.04 -11.81
N LEU A 57 15.34 -3.91 -12.51
CA LEU A 57 14.65 -2.71 -12.07
C LEU A 57 13.96 -2.01 -13.22
N THR A 58 12.72 -1.57 -12.98
CA THR A 58 11.99 -0.76 -13.93
C THR A 58 11.67 0.54 -13.24
N ALA A 59 12.13 1.67 -13.78
CA ALA A 59 11.82 2.97 -13.18
C ALA A 59 10.80 3.71 -14.02
N VAL A 60 9.63 4.01 -13.46
CA VAL A 60 8.55 4.68 -14.17
C VAL A 60 8.48 6.17 -13.83
N GLU A 61 8.50 7.03 -14.86
CA GLU A 61 8.48 8.46 -14.67
C GLU A 61 7.60 9.07 -15.77
N VAL A 62 6.54 9.81 -15.41
CA VAL A 62 5.59 10.36 -16.37
C VAL A 62 6.20 11.56 -17.18
N ASP A 63 7.15 12.32 -16.62
CA ASP A 63 7.81 13.43 -17.33
C ASP A 63 8.87 12.84 -18.27
N ALA A 64 8.56 12.82 -19.58
CA ALA A 64 9.41 12.23 -20.62
C ALA A 64 10.81 12.81 -20.68
N ARG A 65 10.95 14.12 -20.53
CA ARG A 65 12.28 14.75 -20.57
C ARG A 65 13.09 14.30 -19.33
N ARG A 66 12.44 14.28 -18.16
CA ARG A 66 13.06 13.84 -16.92
C ARG A 66 13.44 12.35 -16.99
N ALA A 67 12.56 11.52 -17.59
CA ALA A 67 12.79 10.09 -17.78
C ALA A 67 14.02 9.85 -18.66
N ARG A 68 14.18 10.62 -19.76
CA ARG A 68 15.33 10.52 -20.66
C ARG A 68 16.64 10.90 -19.93
N ARG A 69 16.60 11.95 -19.11
CA ARG A 69 17.76 12.36 -18.29
C ARG A 69 18.10 11.26 -17.29
N LEU A 70 17.07 10.58 -16.72
CA LEU A 70 17.25 9.48 -15.77
C LEU A 70 17.83 8.25 -16.46
N ALA A 71 17.38 7.95 -17.69
CA ALA A 71 17.92 6.82 -18.46
C ALA A 71 19.43 7.00 -18.70
N GLN A 72 19.88 8.25 -18.95
CA GLN A 72 21.31 8.50 -19.14
C GLN A 72 22.07 8.27 -17.82
N ARG A 73 21.51 8.77 -16.72
CA ARG A 73 22.11 8.63 -15.40
C ARG A 73 22.20 7.17 -14.96
N THR A 74 21.12 6.39 -15.14
CA THR A 74 21.14 4.97 -14.75
C THR A 74 22.11 4.19 -15.60
N ALA A 75 22.18 4.49 -16.91
CA ALA A 75 23.12 3.83 -17.83
C ALA A 75 24.56 4.15 -17.46
N ARG A 76 24.83 5.40 -17.05
CA ARG A 76 26.18 5.82 -16.67
C ARG A 76 26.68 5.10 -15.41
N SER A 77 25.83 4.97 -14.40
CA SER A 77 26.21 4.27 -13.17
C SER A 77 26.06 2.75 -13.24
N ALA A 78 25.53 2.22 -14.34
CA ALA A 78 25.34 0.78 -14.59
C ALA A 78 26.64 0.15 -15.06
N PRO A 79 26.80 -1.18 -14.87
CA PRO A 79 28.02 -1.84 -15.33
C PRO A 79 28.33 -1.66 -16.82
N GLY A 80 27.32 -1.50 -17.66
CA GLY A 80 27.53 -1.26 -19.08
C GLY A 80 26.41 -1.73 -19.98
N PRO A 81 26.57 -1.50 -21.30
CA PRO A 81 25.54 -1.95 -22.28
C PRO A 81 25.16 -3.44 -22.16
N ALA A 82 26.13 -4.32 -21.89
CA ALA A 82 25.87 -5.74 -21.73
C ALA A 82 25.08 -6.04 -20.43
N PRO A 85 21.08 -2.26 -18.09
CA PRO A 85 20.10 -3.20 -17.50
C PRO A 85 18.79 -2.53 -17.05
N THR A 86 18.81 -1.62 -16.01
CA THR A 86 17.61 -0.90 -15.53
C THR A 86 16.82 -0.29 -16.69
N GLU A 87 15.51 -0.56 -16.75
CA GLU A 87 14.68 0.00 -17.80
C GLU A 87 13.95 1.23 -17.29
N VAL A 88 14.19 2.38 -17.92
CA VAL A 88 13.48 3.60 -17.57
C VAL A 88 12.31 3.73 -18.53
N VAL A 89 11.09 3.80 -18.00
CA VAL A 89 9.90 3.88 -18.83
C VAL A 89 9.25 5.23 -18.62
N ALA A 90 9.01 5.97 -19.72
CA ALA A 90 8.31 7.24 -19.66
C ALA A 90 6.84 6.86 -19.76
N ALA A 91 6.11 6.83 -18.63
CA ALA A 91 4.71 6.42 -18.62
C ALA A 91 3.97 6.89 -17.36
N ASP A 92 2.63 6.96 -17.44
CA ASP A 92 1.79 7.25 -16.28
C ASP A 92 1.62 5.91 -15.58
N PHE A 93 1.97 5.80 -14.28
CA PHE A 93 1.83 4.51 -13.58
C PHE A 93 0.37 4.01 -13.54
N LEU A 94 -0.59 4.94 -13.54
CA LEU A 94 -2.01 4.60 -13.57
C LEU A 94 -2.40 3.81 -14.84
N ARG A 95 -1.57 3.86 -15.92
CA ARG A 95 -1.77 3.14 -17.19
C ARG A 95 -0.70 2.06 -17.45
N TYR A 96 0.26 1.88 -16.53
CA TYR A 96 1.34 0.91 -16.70
C TYR A 96 0.88 -0.49 -16.39
N PRO A 97 1.07 -1.45 -17.32
CA PRO A 97 0.66 -2.82 -17.04
C PRO A 97 1.63 -3.54 -16.10
N LEU A 98 1.17 -3.89 -14.89
CA LEU A 98 1.99 -4.60 -13.93
C LEU A 98 2.14 -6.04 -14.36
N PRO A 99 3.34 -6.62 -14.26
CA PRO A 99 3.49 -8.05 -14.61
C PRO A 99 2.73 -8.95 -13.64
N ARG A 100 2.35 -10.15 -14.11
CA ARG A 100 1.63 -11.11 -13.27
C ARG A 100 2.57 -11.99 -12.42
N SER A 101 3.88 -11.95 -12.73
CA SER A 101 4.95 -12.68 -12.06
C SER A 101 5.41 -11.92 -10.80
N PRO A 102 6.03 -12.61 -9.82
CA PRO A 102 6.46 -11.90 -8.60
C PRO A 102 7.41 -10.73 -8.82
N HIS A 103 7.09 -9.61 -8.17
CA HIS A 103 7.91 -8.40 -8.18
C HIS A 103 7.66 -7.57 -6.90
N VAL A 104 8.46 -6.53 -6.70
CA VAL A 104 8.40 -5.65 -5.54
C VAL A 104 8.20 -4.23 -6.07
N VAL A 105 7.25 -3.49 -5.49
CA VAL A 105 6.96 -2.14 -5.92
C VAL A 105 7.49 -1.13 -4.90
N VAL A 106 8.08 -0.04 -5.35
CA VAL A 106 8.58 1.02 -4.47
C VAL A 106 8.28 2.39 -5.09
N GLY A 107 7.99 3.39 -4.28
CA GLY A 107 7.76 4.73 -4.80
C GLY A 107 7.48 5.84 -3.82
N ASN A 108 7.89 7.05 -4.19
CA ASN A 108 7.62 8.29 -3.48
C ASN A 108 6.42 8.82 -4.25
N LEU A 109 5.22 8.60 -3.74
CA LEU A 109 3.98 8.94 -4.45
C LEU A 109 3.60 10.41 -4.46
N PRO A 110 3.10 10.91 -5.62
CA PRO A 110 2.56 12.28 -5.64
C PRO A 110 1.34 12.28 -4.71
N PHE A 111 1.34 13.14 -3.68
CA PHE A 111 0.32 13.14 -2.64
C PHE A 111 -1.12 13.28 -3.16
N HIS A 112 -1.33 13.94 -4.32
CA HIS A 112 -2.68 14.08 -4.86
C HIS A 112 -3.15 12.83 -5.60
N LEU A 113 -2.24 11.92 -6.01
CA LEU A 113 -2.66 10.68 -6.67
C LEU A 113 -2.55 9.42 -5.79
N THR A 114 -2.19 9.58 -4.51
CA THR A 114 -2.00 8.48 -3.56
C THR A 114 -3.12 7.45 -3.54
N THR A 115 -4.38 7.85 -3.36
CA THR A 115 -5.48 6.88 -3.25
C THR A 115 -5.76 6.17 -4.59
N ALA A 116 -5.60 6.87 -5.71
CA ALA A 116 -5.78 6.26 -7.03
C ALA A 116 -4.64 5.25 -7.27
N ILE A 117 -3.40 5.63 -6.92
CA ILE A 117 -2.24 4.73 -7.09
C ILE A 117 -2.40 3.50 -6.19
N LEU A 118 -2.85 3.72 -4.94
CA LEU A 118 -3.11 2.64 -3.98
C LEU A 118 -4.19 1.68 -4.51
N ARG A 119 -5.28 2.22 -5.07
CA ARG A 119 -6.35 1.38 -5.64
C ARG A 119 -5.87 0.60 -6.84
N ARG A 120 -5.06 1.23 -7.69
CA ARG A 120 -4.49 0.59 -8.87
C ARG A 120 -3.60 -0.58 -8.43
N LEU A 121 -2.77 -0.37 -7.39
CA LEU A 121 -1.90 -1.42 -6.85
C LEU A 121 -2.68 -2.53 -6.15
N LEU A 122 -3.66 -2.20 -5.30
CA LEU A 122 -4.42 -3.21 -4.54
C LEU A 122 -5.23 -4.13 -5.45
N HIS A 123 -5.70 -3.60 -6.60
CA HIS A 123 -6.41 -4.42 -7.59
C HIS A 123 -5.45 -5.13 -8.57
N GLY A 124 -4.16 -4.83 -8.53
CA GLY A 124 -3.14 -5.34 -9.44
C GLY A 124 -2.46 -6.65 -9.10
N PRO A 125 -1.84 -7.27 -10.11
CA PRO A 125 -1.24 -8.60 -9.91
C PRO A 125 0.24 -8.60 -9.57
N GLY A 126 0.77 -9.78 -9.30
CA GLY A 126 2.18 -10.08 -9.12
C GLY A 126 2.97 -9.55 -7.94
N TRP A 127 2.86 -8.25 -7.64
CA TRP A 127 3.69 -7.64 -6.59
C TRP A 127 3.43 -8.25 -5.23
N THR A 128 4.48 -8.62 -4.52
CA THR A 128 4.37 -9.24 -3.20
C THR A 128 4.62 -8.29 -2.05
N THR A 129 5.41 -7.22 -2.29
CA THR A 129 5.68 -6.17 -1.33
C THR A 129 5.65 -4.82 -2.05
N ALA A 130 5.09 -3.79 -1.38
CA ALA A 130 5.09 -2.41 -1.84
C ALA A 130 5.73 -1.58 -0.72
N VAL A 131 6.67 -0.68 -1.06
CA VAL A 131 7.35 0.22 -0.11
C VAL A 131 7.05 1.61 -0.62
N LEU A 132 6.09 2.29 0.02
CA LEU A 132 5.54 3.54 -0.46
C LEU A 132 5.63 4.74 0.46
N LEU A 133 6.06 5.86 -0.10
CA LEU A 133 6.11 7.11 0.62
C LEU A 133 4.91 7.93 0.23
N MET A 134 4.14 8.38 1.24
CA MET A 134 2.89 9.11 1.00
C MET A 134 2.57 10.05 2.18
N GLN A 135 1.43 10.76 2.18
CA GLN A 135 1.02 11.61 3.31
C GLN A 135 0.96 10.80 4.58
N TRP A 136 1.34 11.42 5.69
CA TRP A 136 1.40 10.76 6.97
C TRP A 136 0.03 10.31 7.45
N GLU A 137 -1.01 11.11 7.22
CA GLU A 137 -2.34 10.77 7.68
C GLU A 137 -2.91 9.59 6.92
N VAL A 138 -2.58 9.45 5.63
CA VAL A 138 -2.99 8.32 4.82
C VAL A 138 -2.23 7.06 5.24
N ALA A 139 -0.90 7.15 5.38
CA ALA A 139 -0.09 6.00 5.80
C ALA A 139 -0.54 5.46 7.16
N ARG A 140 -0.88 6.38 8.08
CA ARG A 140 -1.36 6.05 9.44
C ARG A 140 -2.67 5.25 9.39
N ARG A 141 -3.65 5.73 8.61
CA ARG A 141 -4.95 5.07 8.45
C ARG A 141 -4.79 3.74 7.76
N ARG A 142 -3.96 3.69 6.72
CA ARG A 142 -3.68 2.48 5.98
C ARG A 142 -3.03 1.40 6.88
N ALA A 143 -2.08 1.78 7.76
CA ALA A 143 -1.45 0.82 8.67
C ALA A 143 -2.29 0.50 9.94
N ALA A 144 -3.50 1.09 10.07
CA ALA A 144 -4.43 0.91 11.19
C ALA A 144 -3.85 1.39 12.54
N VAL A 145 -3.16 2.53 12.55
CA VAL A 145 -2.62 3.15 13.77
C VAL A 145 -3.81 3.74 14.50
N GLY A 146 -4.05 3.26 15.71
CA GLY A 146 -5.20 3.67 16.51
C GLY A 146 -6.50 2.98 16.11
N GLY A 147 -6.41 1.93 15.31
CA GLY A 147 -7.59 1.24 14.81
C GLY A 147 -7.71 1.33 13.30
N ALA A 148 -8.41 0.38 12.70
CA ALA A 148 -8.56 0.35 11.25
C ALA A 148 -9.65 1.26 10.76
N THR A 149 -9.49 1.77 9.56
CA THR A 149 -10.52 2.53 8.89
C THR A 149 -11.21 1.51 7.95
N MET A 150 -12.33 1.91 7.34
CA MET A 150 -13.06 1.07 6.42
C MET A 150 -12.18 0.56 5.26
N MET A 151 -11.35 1.44 4.65
CA MET A 151 -10.51 1.02 3.51
C MET A 151 -9.48 -0.05 3.86
N THR A 152 -8.84 0.04 5.03
CA THR A 152 -7.89 -0.98 5.48
C THR A 152 -8.59 -2.34 5.68
N ALA A 153 -9.73 -2.36 6.41
CA ALA A 153 -10.51 -3.58 6.69
C ALA A 153 -11.00 -4.20 5.41
N GLN A 154 -11.36 -3.36 4.39
CA GLN A 154 -11.80 -3.83 3.07
C GLN A 154 -10.71 -4.57 2.30
N TRP A 155 -9.42 -4.26 2.59
CA TRP A 155 -8.32 -4.92 1.88
C TRP A 155 -7.57 -5.95 2.71
N TRP A 156 -7.82 -6.00 4.03
CA TRP A 156 -7.18 -6.92 4.98
C TRP A 156 -7.21 -8.43 4.61
N PRO A 157 -8.24 -9.03 3.95
CA PRO A 157 -8.13 -10.47 3.61
C PRO A 157 -7.00 -10.75 2.63
N TRP A 158 -6.54 -9.75 1.85
CA TRP A 158 -5.51 -10.00 0.84
C TRP A 158 -4.16 -9.35 1.12
N PHE A 159 -4.12 -8.33 2.00
CA PHE A 159 -2.88 -7.57 2.24
C PHE A 159 -2.69 -7.21 3.69
N GLU A 160 -1.42 -7.07 4.08
CA GLU A 160 -1.02 -6.61 5.41
C GLU A 160 -0.31 -5.26 5.25
N PHE A 161 -0.56 -4.33 6.15
CA PHE A 161 -0.03 -2.95 6.08
C PHE A 161 0.85 -2.66 7.29
N GLY A 162 1.99 -2.02 7.05
CA GLY A 162 2.91 -1.65 8.12
C GLY A 162 3.37 -0.22 8.01
N LEU A 163 3.48 0.47 9.13
CA LEU A 163 3.98 1.81 9.17
C LEU A 163 5.44 1.70 9.55
N ALA A 164 6.37 1.86 8.58
CA ALA A 164 7.80 1.72 8.85
C ALA A 164 8.35 2.93 9.59
N ARG A 165 7.95 4.14 9.20
CA ARG A 165 8.42 5.35 9.87
C ARG A 165 7.69 6.58 9.44
N LYS A 166 7.80 7.63 10.25
CA LYS A 166 7.30 8.95 9.91
C LYS A 166 8.44 9.68 9.14
N VAL A 167 8.11 10.49 8.15
CA VAL A 167 9.11 11.24 7.39
C VAL A 167 8.65 12.68 7.38
N SER A 168 9.43 13.58 7.95
CA SER A 168 9.07 15.00 8.01
C SER A 168 8.98 15.63 6.61
N ALA A 169 8.19 16.71 6.46
CA ALA A 169 8.13 17.44 5.19
C ALA A 169 9.52 18.03 4.82
N ALA A 170 10.39 18.32 5.84
CA ALA A 170 11.77 18.82 5.62
C ALA A 170 12.67 17.77 4.90
N SER A 171 12.21 16.51 4.79
CA SER A 171 12.98 15.48 4.08
C SER A 171 12.76 15.53 2.55
N PHE A 172 11.90 16.43 2.06
CA PHE A 172 11.57 16.59 0.65
C PHE A 172 11.97 17.98 0.17
N THR A 173 12.17 18.11 -1.14
CA THR A 173 12.47 19.38 -1.80
C THR A 173 11.70 19.48 -3.13
N PRO A 174 10.82 20.48 -3.29
CA PRO A 174 10.33 21.41 -2.26
C PRO A 174 9.53 20.66 -1.18
N ARG A 175 9.31 21.29 -0.03
CA ARG A 175 8.60 20.68 1.08
C ARG A 175 7.11 20.61 0.82
N PRO A 176 6.48 19.45 1.05
CA PRO A 176 5.02 19.40 0.96
C PRO A 176 4.40 20.14 2.16
N ALA A 177 3.08 20.36 2.12
CA ALA A 177 2.35 21.06 3.18
C ALA A 177 2.09 20.19 4.39
N VAL A 178 2.21 18.86 4.26
CA VAL A 178 2.01 17.94 5.37
C VAL A 178 3.22 16.99 5.46
N ASP A 179 3.39 16.31 6.60
CA ASP A 179 4.42 15.30 6.77
C ASP A 179 4.03 14.03 5.97
N ALA A 180 4.96 13.07 5.92
CA ALA A 180 4.86 11.84 5.19
C ALA A 180 5.02 10.59 6.10
N GLY A 181 4.63 9.44 5.59
CA GLY A 181 4.77 8.17 6.26
C GLY A 181 5.25 7.16 5.25
N LEU A 182 6.15 6.28 5.71
CA LEU A 182 6.66 5.22 4.86
C LEU A 182 5.81 3.99 5.13
N LEU A 183 5.01 3.56 4.16
CA LEU A 183 4.12 2.41 4.30
C LEU A 183 4.61 1.17 3.56
N THR A 184 4.53 0.02 4.22
CA THR A 184 4.82 -1.26 3.58
C THR A 184 3.52 -2.03 3.41
N ILE A 185 3.35 -2.69 2.28
CA ILE A 185 2.17 -3.53 2.03
C ILE A 185 2.69 -4.90 1.58
N THR A 186 2.17 -5.99 2.15
CA THR A 186 2.56 -7.31 1.71
C THR A 186 1.34 -8.08 1.28
N ARG A 187 1.44 -8.78 0.14
CA ARG A 187 0.34 -9.60 -0.34
C ARG A 187 0.30 -10.88 0.47
N ARG A 188 -0.85 -11.25 1.05
CA ARG A 188 -0.92 -12.52 1.79
C ARG A 188 -0.83 -13.67 0.81
N SER A 189 0.04 -14.64 1.10
CA SER A 189 0.18 -15.87 0.33
C SER A 189 -1.12 -16.70 0.47
N ARG A 190 -1.73 -16.66 1.67
CA ARG A 190 -2.99 -17.33 1.93
C ARG A 190 -4.06 -16.28 2.26
N PRO A 191 -4.83 -15.87 1.26
CA PRO A 191 -5.89 -14.89 1.50
C PRO A 191 -6.93 -15.39 2.53
N LEU A 192 -7.44 -14.47 3.35
CA LEU A 192 -8.43 -14.81 4.36
C LEU A 192 -9.82 -14.96 3.78
N VAL A 193 -10.09 -14.35 2.62
CA VAL A 193 -11.36 -14.39 1.88
C VAL A 193 -10.98 -14.58 0.40
N ASP A 194 -11.77 -15.39 -0.36
CA ASP A 194 -11.48 -15.60 -1.77
C ASP A 194 -11.62 -14.30 -2.54
N VAL A 195 -10.69 -14.02 -3.49
CA VAL A 195 -10.73 -12.82 -4.30
C VAL A 195 -12.05 -12.70 -5.09
N ALA A 196 -12.71 -13.83 -5.41
CA ALA A 196 -14.00 -13.79 -6.12
C ALA A 196 -15.12 -13.16 -5.27
N ASP A 197 -14.98 -13.18 -3.92
CA ASP A 197 -15.97 -12.61 -3.01
C ASP A 197 -15.62 -11.20 -2.54
N ARG A 198 -14.64 -10.54 -3.18
CA ARG A 198 -14.15 -9.23 -2.80
C ARG A 198 -15.23 -8.17 -2.75
N ALA A 199 -16.06 -8.06 -3.79
CA ALA A 199 -17.10 -7.03 -3.81
C ALA A 199 -18.11 -7.23 -2.69
N ARG A 200 -18.60 -8.47 -2.42
CA ARG A 200 -19.54 -8.69 -1.31
C ARG A 200 -18.84 -8.42 0.04
N TYR A 201 -17.59 -8.89 0.18
CA TYR A 201 -16.83 -8.65 1.41
C TYR A 201 -16.68 -7.14 1.68
N GLN A 202 -16.24 -6.36 0.67
CA GLN A 202 -16.02 -4.93 0.83
C GLN A 202 -17.32 -4.18 1.10
N ALA A 203 -18.45 -4.65 0.54
CA ALA A 203 -19.76 -4.07 0.79
C ALA A 203 -20.20 -4.30 2.26
N LEU A 204 -19.89 -5.49 2.80
CA LEU A 204 -20.20 -5.82 4.21
C LEU A 204 -19.41 -4.90 5.11
N VAL A 205 -18.10 -4.73 4.83
CA VAL A 205 -17.26 -3.83 5.63
C VAL A 205 -17.78 -2.39 5.59
N HIS A 206 -18.23 -1.93 4.41
CA HIS A 206 -18.81 -0.60 4.29
C HIS A 206 -20.06 -0.47 5.15
N ARG A 207 -20.90 -1.49 5.12
CA ARG A 207 -22.15 -1.58 5.88
C ARG A 207 -21.93 -1.52 7.40
N VAL A 208 -20.90 -2.20 7.92
CA VAL A 208 -20.60 -2.18 9.36
C VAL A 208 -20.02 -0.81 9.78
N PHE A 209 -19.12 -0.22 8.96
CA PHE A 209 -18.52 1.07 9.31
C PHE A 209 -19.49 2.25 9.25
N THR A 210 -20.45 2.21 8.34
CA THR A 210 -21.43 3.29 8.21
C THR A 210 -22.81 2.97 8.83
N GLY A 211 -22.92 1.85 9.53
CA GLY A 211 -24.16 1.43 10.15
C GLY A 211 -24.48 2.20 11.40
N ARG A 212 -25.77 2.36 11.68
CA ARG A 212 -26.22 3.04 12.88
C ARG A 212 -26.07 2.07 14.06
N GLY A 213 -25.88 2.64 15.24
CA GLY A 213 -25.72 1.85 16.45
C GLY A 213 -24.45 2.23 17.18
N HIS A 214 -24.48 2.09 18.50
CA HIS A 214 -23.32 2.38 19.32
C HIS A 214 -22.69 1.05 19.76
N GLY A 215 -21.66 0.62 19.03
CA GLY A 215 -20.99 -0.65 19.33
C GLY A 215 -21.40 -1.76 18.40
N MET A 216 -20.54 -2.76 18.26
CA MET A 216 -20.75 -3.90 17.37
C MET A 216 -22.07 -4.63 17.60
N ALA A 217 -22.46 -4.85 18.88
CA ALA A 217 -23.74 -5.53 19.19
C ALA A 217 -24.92 -4.75 18.60
N GLN A 218 -24.96 -3.41 18.77
CA GLN A 218 -26.02 -2.59 18.20
C GLN A 218 -25.95 -2.50 16.67
N ILE A 219 -24.74 -2.41 16.09
CA ILE A 219 -24.56 -2.33 14.64
C ILE A 219 -25.01 -3.62 13.92
N LEU A 220 -24.59 -4.78 14.43
CA LEU A 220 -24.94 -6.06 13.79
C LEU A 220 -26.44 -6.43 13.88
N GLN A 221 -27.15 -5.84 14.84
CA GLN A 221 -28.58 -6.09 15.02
C GLN A 221 -29.40 -5.35 13.97
N ARG A 222 -28.96 -4.14 13.58
CA ARG A 222 -29.65 -3.27 12.64
C ARG A 222 -29.31 -3.46 11.16
N LEU A 223 -28.58 -4.54 10.78
CA LEU A 223 -28.22 -4.73 9.37
C LEU A 223 -28.96 -5.93 8.71
N PRO A 224 -29.11 -5.90 7.35
CA PRO A 224 -29.78 -7.02 6.68
C PRO A 224 -29.03 -8.34 6.83
N THR A 225 -29.76 -9.43 7.10
CA THR A 225 -29.26 -10.79 7.36
C THR A 225 -28.42 -10.82 8.65
N PRO A 226 -29.06 -10.66 9.83
CA PRO A 226 -28.31 -10.63 11.10
C PRO A 226 -27.51 -11.91 11.47
N VAL A 227 -26.73 -11.77 12.54
CA VAL A 227 -25.78 -12.73 13.05
C VAL A 227 -26.33 -13.32 14.37
N PRO A 228 -26.06 -14.60 14.72
CA PRO A 228 -26.55 -15.13 16.00
C PRO A 228 -26.12 -14.28 17.20
N ARG A 229 -26.96 -14.22 18.23
CA ARG A 229 -26.73 -13.42 19.43
C ARG A 229 -25.43 -13.81 20.14
N THR A 230 -25.08 -15.08 20.09
CA THR A 230 -23.85 -15.56 20.72
C THR A 230 -22.57 -15.29 19.89
N TRP A 231 -22.70 -14.90 18.59
CA TRP A 231 -21.56 -14.76 17.67
C TRP A 231 -20.45 -13.79 18.15
N LEU A 232 -20.78 -12.58 18.56
CA LEU A 232 -19.75 -11.60 18.95
C LEU A 232 -18.83 -12.08 20.05
N ARG A 233 -19.38 -12.47 21.21
CA ARG A 233 -18.59 -12.95 22.33
C ARG A 233 -17.89 -14.24 21.99
N ALA A 234 -18.53 -15.15 21.20
CA ALA A 234 -17.84 -16.39 20.79
C ALA A 234 -16.62 -16.11 19.89
N ASN A 235 -16.59 -14.94 19.23
CA ASN A 235 -15.45 -14.56 18.39
C ASN A 235 -14.48 -13.58 19.08
N GLY A 236 -14.61 -13.43 20.41
CA GLY A 236 -13.72 -12.60 21.21
C GLY A 236 -13.94 -11.12 21.08
N ILE A 237 -15.12 -10.71 20.61
CA ILE A 237 -15.42 -9.31 20.39
C ILE A 237 -16.34 -8.81 21.50
N ALA A 238 -15.90 -7.80 22.24
CA ALA A 238 -16.70 -7.18 23.27
C ALA A 238 -17.93 -6.49 22.63
N PRO A 239 -19.11 -6.61 23.24
CA PRO A 239 -20.32 -6.02 22.63
C PRO A 239 -20.26 -4.51 22.41
N ASN A 240 -19.43 -3.80 23.20
CA ASN A 240 -19.25 -2.34 23.12
C ASN A 240 -18.20 -1.89 22.11
N SER A 241 -17.41 -2.83 21.56
CA SER A 241 -16.32 -2.50 20.65
C SER A 241 -16.77 -1.80 19.38
N LEU A 242 -15.86 -1.04 18.80
CA LEU A 242 -16.13 -0.29 17.58
C LEU A 242 -15.61 -1.07 16.36
N PRO A 243 -16.20 -0.84 15.17
CA PRO A 243 -15.69 -1.51 13.96
C PRO A 243 -14.16 -1.43 13.75
N ARG A 244 -13.54 -0.29 14.10
CA ARG A 244 -12.09 -0.09 13.99
C ARG A 244 -11.24 -0.99 14.91
N GLN A 245 -11.86 -1.60 15.90
CA GLN A 245 -11.18 -2.50 16.83
C GLN A 245 -11.16 -3.96 16.36
N LEU A 246 -11.90 -4.31 15.29
CA LEU A 246 -11.89 -5.68 14.80
C LEU A 246 -10.56 -6.01 14.08
N SER A 247 -10.10 -7.25 14.22
CA SER A 247 -8.90 -7.73 13.55
C SER A 247 -9.28 -8.23 12.13
N ALA A 248 -8.28 -8.55 11.29
CA ALA A 248 -8.54 -9.10 9.97
C ALA A 248 -9.29 -10.46 10.08
N ALA A 249 -8.85 -11.34 11.01
CA ALA A 249 -9.49 -12.65 11.22
C ALA A 249 -10.97 -12.55 11.60
N GLN A 250 -11.32 -11.54 12.40
CA GLN A 250 -12.69 -11.28 12.86
C GLN A 250 -13.59 -10.79 11.71
N TRP A 251 -13.05 -9.94 10.82
CA TRP A 251 -13.79 -9.47 9.65
C TRP A 251 -14.07 -10.62 8.72
N ALA A 252 -13.10 -11.51 8.52
CA ALA A 252 -13.25 -12.69 7.66
C ALA A 252 -14.26 -13.67 8.28
N ALA A 253 -14.25 -13.83 9.63
CA ALA A 253 -15.21 -14.70 10.31
C ALA A 253 -16.62 -14.13 10.18
N LEU A 254 -16.77 -12.81 10.23
CA LEU A 254 -18.05 -12.13 10.06
C LEU A 254 -18.55 -12.30 8.63
N PHE A 255 -17.66 -12.20 7.64
CA PHE A 255 -18.05 -12.41 6.24
C PHE A 255 -18.53 -13.84 6.03
N GLU A 256 -17.80 -14.79 6.58
CA GLU A 256 -18.17 -16.19 6.47
C GLU A 256 -19.52 -16.49 7.16
N GLN A 257 -19.84 -15.75 8.23
CA GLN A 257 -21.09 -15.89 8.96
C GLN A 257 -22.26 -15.26 8.17
N THR A 258 -22.08 -14.04 7.64
CA THR A 258 -23.14 -13.36 6.88
C THR A 258 -23.16 -13.73 5.38
N ARG A 259 -22.35 -14.69 4.98
CA ARG A 259 -22.21 -15.22 3.62
C ARG A 259 -23.59 -15.57 3.01
#